data_3LFU
#
_entry.id   3LFU
#
_cell.length_a   194.543
_cell.length_b   58.739
_cell.length_c   69.418
_cell.angle_alpha   90.000
_cell.angle_beta   90.000
_cell.angle_gamma   90.000
#
_symmetry.space_group_name_H-M   'P 21 21 2'
#
loop_
_entity.id
_entity.type
_entity.pdbx_description
1 polymer 'DNA helicase II'
2 non-polymer 'SULFATE ION'
3 water water
#
_entity_poly.entity_id   1
_entity_poly.type   'polypeptide(L)'
_entity_poly.pdbx_seq_one_letter_code
;MDVSYLLDSLNDKQREAVAAPRSNLLVLAGAGSGKTRVLVHRIAWLMSVENCSPYSIMAVTFTNKAAAEMRHRIGQLMGT
SQGGMWVGTFHGLAHRLLRAHHMDANLPQDFQILDSEDQLRLLKRLIKAMNLDEKQWPPRQAMWYINSQKDEGLRPHHIQ
SYGNPVEQTWQKVYQAYQEACDRAGLVDFAELLLRAHELWLNKPHILQHYRERFTNILVDEFQDTNNIQYAWIRLLAGDT
GKVMIVGDDDQSIYGWRGAQVENIQRFLNDFPGAETIRLEQNYRSTSNILSAANALIENNNGRLGKKLWTDGADGEPISL
YCAFNELDEARFVVNRIKTWQDNGGALAECAILYRSNAQSRVLEEALLQASMPYRIYGGMRFFERQEIKDALSYLRLIAN
RNDDAAFERVVNTPTRGIGDRTLDVVRQTSRDRQLTLWQACRELLQEKALAGRAASALQRFMELIDALAQETADMPLHVQ
TDRVIKDSGLRTMYEQEKGEKGQTRIENLEELVTATRQFSYNEEDEDLMPLQAFLSHAALEAGEGQADTWQDAVQLMTLH
SAKGLEFPQVFIVGMEEGMFPSQMSLDEGGRLEEERRLAYVGVTRAMQKLTLTYAETRRLYGKEVYHRPSRFIGELPEEC
VEEVRLR
;
_entity_poly.pdbx_strand_id   A
#
# COMPACT_ATOMS: atom_id res chain seq x y z
N VAL A 3 28.26 18.59 22.32
CA VAL A 3 28.85 17.98 21.09
C VAL A 3 29.38 16.59 21.38
N SER A 4 29.94 16.38 22.56
CA SER A 4 30.47 15.08 22.88
C SER A 4 29.34 14.05 23.00
N TYR A 5 28.28 14.42 23.72
CA TYR A 5 27.09 13.58 23.80
C TYR A 5 26.32 13.52 22.49
N LEU A 6 26.41 14.57 21.67
CA LEU A 6 25.78 14.51 20.34
C LEU A 6 26.46 13.54 19.37
N LEU A 7 27.77 13.37 19.54
CA LEU A 7 28.52 12.56 18.58
C LEU A 7 28.89 11.17 19.11
N ASP A 8 28.65 10.88 20.39
CA ASP A 8 29.24 9.71 21.04
C ASP A 8 28.82 8.42 20.34
N SER A 9 27.54 8.33 20.04
CA SER A 9 26.95 7.08 19.55
C SER A 9 27.12 6.89 18.03
N LEU A 10 27.81 7.82 17.36
CA LEU A 10 27.87 7.82 15.88
C LEU A 10 29.10 7.13 15.31
N ASN A 11 28.95 6.56 14.11
CA ASN A 11 30.12 6.15 13.33
C ASN A 11 30.61 7.34 12.49
N ASP A 12 31.72 7.10 11.79
CA ASP A 12 32.44 8.17 11.09
C ASP A 12 31.59 8.93 10.04
N LYS A 13 30.84 8.21 9.22
CA LYS A 13 29.95 8.85 8.22
C LYS A 13 28.72 9.52 8.84
N GLN A 14 28.14 8.88 9.84
CA GLN A 14 27.07 9.54 10.58
C GLN A 14 27.55 10.85 11.20
N ARG A 15 28.73 10.86 11.79
CA ARG A 15 29.29 12.09 12.35
C ARG A 15 29.53 13.14 11.26
N GLU A 16 30.02 12.69 10.11
CA GLU A 16 30.23 13.62 9.02
C GLU A 16 28.94 14.37 8.68
N ALA A 17 27.85 13.64 8.54
CA ALA A 17 26.55 14.30 8.34
C ALA A 17 26.08 15.15 9.49
N VAL A 18 26.12 14.64 10.73
CA VAL A 18 25.51 15.34 11.84
C VAL A 18 26.29 16.64 12.06
N ALA A 19 27.61 16.58 11.87
CA ALA A 19 28.44 17.73 12.29
C ALA A 19 28.84 18.58 11.08
N ALA A 20 28.15 18.38 9.96
CA ALA A 20 28.48 19.09 8.72
C ALA A 20 28.17 20.58 8.84
N PRO A 21 28.89 21.42 8.10
CA PRO A 21 28.53 22.84 8.16
C PRO A 21 27.10 22.96 7.62
N ARG A 22 26.42 24.07 7.90
CA ARG A 22 25.10 24.29 7.28
C ARG A 22 25.22 24.47 5.77
N SER A 23 24.70 23.49 5.01
CA SER A 23 24.91 23.45 3.57
C SER A 23 23.82 22.53 3.02
N ASN A 24 23.73 22.41 1.70
CA ASN A 24 22.79 21.46 1.09
C ASN A 24 23.45 20.09 1.06
N LEU A 25 22.76 19.05 1.56
CA LEU A 25 23.44 17.80 1.81
C LEU A 25 22.49 16.71 1.35
N LEU A 26 22.97 15.77 0.57
CA LEU A 26 22.31 14.46 0.42
C LEU A 26 22.99 13.49 1.35
N VAL A 27 22.19 12.89 2.24
CA VAL A 27 22.72 11.76 3.00
C VAL A 27 22.12 10.51 2.32
N LEU A 28 22.95 9.80 1.56
CA LEU A 28 22.53 8.61 0.86
C LEU A 28 22.68 7.45 1.88
N ALA A 29 21.58 7.20 2.57
CA ALA A 29 21.51 6.28 3.68
C ALA A 29 21.16 4.87 3.22
N GLY A 30 22.17 3.99 3.29
CA GLY A 30 21.99 2.59 2.97
C GLY A 30 20.95 1.99 3.87
N ALA A 31 20.44 0.83 3.48
CA ALA A 31 19.60 0.04 4.42
C ALA A 31 20.32 -0.13 5.75
N GLY A 32 19.57 -0.04 6.85
CA GLY A 32 20.10 -0.38 8.16
C GLY A 32 21.23 0.49 8.63
N SER A 33 21.36 1.73 8.12
CA SER A 33 22.57 2.48 8.39
C SER A 33 22.34 3.61 9.42
N GLY A 34 21.16 3.65 10.05
CA GLY A 34 20.98 4.57 11.18
C GLY A 34 20.57 5.95 10.71
N LYS A 35 19.78 5.99 9.65
CA LYS A 35 19.39 7.29 9.13
C LYS A 35 18.52 8.12 10.06
N THR A 36 17.68 7.51 10.90
CA THR A 36 16.88 8.32 11.80
C THR A 36 17.77 8.93 12.90
N ARG A 37 18.71 8.15 13.41
CA ARG A 37 19.72 8.69 14.32
C ARG A 37 20.42 9.91 13.77
N VAL A 38 20.80 9.85 12.50
CA VAL A 38 21.40 11.00 11.81
C VAL A 38 20.47 12.23 11.76
N LEU A 39 19.20 12.04 11.39
CA LEU A 39 18.28 13.16 11.32
C LEU A 39 18.09 13.77 12.71
N VAL A 40 17.93 12.90 13.70
CA VAL A 40 17.68 13.36 15.08
C VAL A 40 18.87 14.13 15.64
N HIS A 41 20.06 13.58 15.45
CA HIS A 41 21.25 14.18 16.02
C HIS A 41 21.64 15.41 15.21
N ARG A 42 21.40 15.40 13.90
CA ARG A 42 21.61 16.62 13.08
C ARG A 42 20.77 17.81 13.53
N ILE A 43 19.48 17.60 13.82
CA ILE A 43 18.56 18.64 14.38
C ILE A 43 19.04 19.12 15.75
N ALA A 44 19.49 18.20 16.59
CA ALA A 44 20.04 18.58 17.89
C ALA A 44 21.31 19.42 17.77
N TRP A 45 22.17 19.03 16.84
CA TRP A 45 23.36 19.78 16.51
C TRP A 45 23.08 21.19 16.03
N LEU A 46 22.14 21.32 15.08
CA LEU A 46 21.75 22.63 14.59
C LEU A 46 21.37 23.56 15.73
N MET A 47 20.61 23.05 16.69
CA MET A 47 20.19 23.89 17.81
C MET A 47 21.32 24.14 18.80
N SER A 48 22.08 23.10 19.13
CA SER A 48 23.06 23.15 20.24
C SER A 48 24.38 23.79 19.84
N VAL A 49 24.88 23.39 18.68
CA VAL A 49 26.19 23.78 18.21
C VAL A 49 26.08 24.98 17.27
N GLU A 50 25.12 24.95 16.35
CA GLU A 50 24.99 26.04 15.39
C GLU A 50 24.18 27.21 15.93
N ASN A 51 23.52 26.97 17.06
CA ASN A 51 22.63 27.94 17.74
C ASN A 51 21.41 28.36 16.94
N CYS A 52 20.92 27.48 16.09
CA CYS A 52 19.67 27.76 15.37
C CYS A 52 18.49 27.63 16.32
N SER A 53 17.51 28.50 16.16
CA SER A 53 16.26 28.41 16.89
C SER A 53 15.55 27.12 16.49
N PRO A 54 14.82 26.48 17.42
CA PRO A 54 13.86 25.44 17.05
C PRO A 54 12.87 25.94 15.99
N TYR A 55 12.46 27.21 16.08
CA TYR A 55 11.63 27.87 15.05
C TYR A 55 12.15 27.79 13.62
N SER A 56 13.44 27.52 13.44
CA SER A 56 14.05 27.56 12.11
C SER A 56 14.09 26.20 11.42
N ILE A 57 13.56 25.18 12.08
CA ILE A 57 13.74 23.77 11.66
C ILE A 57 12.38 23.19 11.23
N MET A 58 12.36 22.70 10.00
CA MET A 58 11.24 21.92 9.46
C MET A 58 11.79 20.57 9.05
N ALA A 59 11.24 19.52 9.66
CA ALA A 59 11.61 18.13 9.34
C ALA A 59 10.35 17.43 8.80
N VAL A 60 10.46 16.91 7.58
CA VAL A 60 9.32 16.36 6.87
C VAL A 60 9.50 14.87 6.68
N THR A 61 8.52 14.10 7.13
CA THR A 61 8.67 12.64 7.19
C THR A 61 7.66 12.00 6.24
N PHE A 62 7.87 10.71 6.00
CA PHE A 62 7.09 9.92 5.04
C PHE A 62 5.72 9.51 5.58
N THR A 63 5.62 9.36 6.90
CA THR A 63 4.41 8.86 7.56
C THR A 63 4.23 9.57 8.89
N ASN A 64 3.02 9.38 9.43
CA ASN A 64 2.66 10.00 10.72
C ASN A 64 3.48 9.32 11.83
N LYS A 65 3.68 8.01 11.70
CA LYS A 65 4.49 7.30 12.69
C LYS A 65 5.94 7.74 12.64
N ALA A 66 6.48 7.98 11.43
CA ALA A 66 7.83 8.49 11.37
C ALA A 66 7.97 9.87 12.02
N ALA A 67 6.98 10.75 11.85
CA ALA A 67 7.02 12.04 12.55
C ALA A 67 6.90 11.80 14.06
N ALA A 68 6.05 10.87 14.48
CA ALA A 68 5.96 10.62 15.93
C ALA A 68 7.29 10.13 16.54
N GLU A 69 7.96 9.25 15.81
CA GLU A 69 9.27 8.77 16.24
C GLU A 69 10.28 9.88 16.27
N MET A 70 10.27 10.75 15.25
CA MET A 70 11.21 11.87 15.23
C MET A 70 11.02 12.81 16.44
N ARG A 71 9.77 13.15 16.71
CA ARG A 71 9.43 14.00 17.87
C ARG A 71 9.93 13.37 19.17
N HIS A 72 9.75 12.06 19.27
CA HIS A 72 10.03 11.36 20.52
C HIS A 72 11.54 11.30 20.72
N ARG A 73 12.25 11.08 19.62
CA ARG A 73 13.71 10.96 19.71
C ARG A 73 14.42 12.29 19.83
N ILE A 74 13.89 13.33 19.19
CA ILE A 74 14.40 14.67 19.40
C ILE A 74 14.25 15.02 20.89
N GLY A 75 13.09 14.66 21.42
CA GLY A 75 12.73 15.01 22.80
C GLY A 75 13.59 14.26 23.81
N GLN A 76 13.95 13.02 23.51
CA GLN A 76 14.93 12.32 24.33
C GLN A 76 16.23 13.11 24.50
N LEU A 77 16.66 13.80 23.45
CA LEU A 77 17.91 14.57 23.51
C LEU A 77 17.68 15.96 24.05
N MET A 78 16.56 16.56 23.67
CA MET A 78 16.38 18.00 23.92
C MET A 78 15.04 18.42 24.54
N GLY A 79 14.21 17.44 24.87
CA GLY A 79 12.92 17.74 25.49
C GLY A 79 11.85 18.04 24.46
N THR A 80 10.61 17.72 24.78
CA THR A 80 9.53 17.73 23.79
C THR A 80 8.96 19.14 23.66
N SER A 81 9.48 20.05 24.48
CA SER A 81 9.14 21.45 24.41
C SER A 81 9.97 22.15 23.34
N GLN A 82 9.53 21.96 22.10
CA GLN A 82 10.22 22.48 20.92
C GLN A 82 9.32 23.44 20.16
N GLY A 83 8.64 24.32 20.90
CA GLY A 83 7.82 25.33 20.24
C GLY A 83 8.62 25.83 19.04
N GLY A 84 7.99 25.87 17.88
CA GLY A 84 8.68 26.50 16.75
C GLY A 84 9.09 25.48 15.72
N MET A 85 9.52 24.30 16.16
CA MET A 85 10.01 23.29 15.23
C MET A 85 8.81 22.63 14.55
N TRP A 86 8.84 22.51 13.23
CA TRP A 86 7.74 21.87 12.52
C TRP A 86 8.24 20.46 12.22
N VAL A 87 7.57 19.43 12.71
CA VAL A 87 7.93 18.08 12.30
C VAL A 87 6.64 17.38 11.93
N GLY A 88 6.57 16.83 10.72
CA GLY A 88 5.29 16.34 10.26
C GLY A 88 5.40 15.75 8.89
N THR A 89 4.28 15.32 8.33
CA THR A 89 4.30 14.72 6.98
C THR A 89 4.11 15.86 5.99
N PHE A 90 4.36 15.64 4.70
CA PHE A 90 3.96 16.65 3.70
C PHE A 90 2.51 17.14 3.88
N HIS A 91 1.56 16.22 4.06
CA HIS A 91 0.19 16.63 4.21
C HIS A 91 -0.06 17.38 5.51
N GLY A 92 0.60 16.99 6.59
CA GLY A 92 0.32 17.63 7.88
C GLY A 92 0.84 19.05 7.92
N LEU A 93 2.00 19.23 7.29
CA LEU A 93 2.64 20.53 7.26
C LEU A 93 1.96 21.46 6.26
N ALA A 94 1.54 20.92 5.11
CA ALA A 94 0.64 21.68 4.21
C ALA A 94 -0.64 22.13 4.91
N HIS A 95 -1.26 21.22 5.67
CA HIS A 95 -2.45 21.62 6.41
C HIS A 95 -2.10 22.76 7.35
N ARG A 96 -0.98 22.65 8.07
CA ARG A 96 -0.62 23.62 9.12
C ARG A 96 -0.43 25.00 8.49
N LEU A 97 0.22 25.02 7.33
CA LEU A 97 0.33 26.29 6.58
C LEU A 97 -1.01 26.84 6.18
N LEU A 98 -1.91 25.99 5.70
CA LEU A 98 -3.17 26.46 5.17
C LEU A 98 -4.04 26.99 6.31
N ARG A 99 -3.94 26.36 7.47
CA ARG A 99 -4.58 26.93 8.66
C ARG A 99 -4.16 28.36 9.00
N ALA A 100 -2.86 28.60 8.94
CA ALA A 100 -2.30 29.88 9.27
C ALA A 100 -2.65 30.98 8.27
N HIS A 101 -3.07 30.58 7.08
CA HIS A 101 -3.27 31.55 5.98
C HIS A 101 -4.53 31.24 5.24
N HIS A 102 -5.58 30.85 5.99
CA HIS A 102 -6.71 30.29 5.29
C HIS A 102 -7.37 31.27 4.30
N MET A 103 -7.53 32.52 4.70
CA MET A 103 -8.15 33.51 3.81
C MET A 103 -7.30 33.65 2.53
N ASP A 104 -5.98 33.65 2.68
CA ASP A 104 -5.12 33.90 1.51
C ASP A 104 -5.15 32.68 0.59
N ALA A 105 -5.57 31.53 1.12
CA ALA A 105 -5.78 30.33 0.33
C ALA A 105 -7.24 30.16 -0.09
N ASN A 106 -8.03 31.22 0.08
CA ASN A 106 -9.46 31.16 -0.24
C ASN A 106 -10.20 29.98 0.39
N LEU A 107 -9.87 29.74 1.65
CA LEU A 107 -10.57 28.74 2.47
C LEU A 107 -11.23 29.47 3.62
N PRO A 108 -12.29 28.89 4.16
CA PRO A 108 -12.95 29.47 5.32
C PRO A 108 -12.24 29.04 6.60
N GLN A 109 -12.51 29.76 7.67
CA GLN A 109 -11.90 29.50 8.96
C GLN A 109 -11.99 28.04 9.42
N ASP A 110 -13.12 27.37 9.42
CA ASP A 110 -12.83 26.05 10.01
C ASP A 110 -12.84 24.93 8.99
N PHE A 111 -12.02 25.08 7.95
CA PHE A 111 -12.21 24.29 6.75
C PHE A 111 -11.86 22.85 7.14
N GLN A 112 -12.38 21.88 6.40
CA GLN A 112 -12.20 20.49 6.80
C GLN A 112 -11.53 19.66 5.76
N ILE A 113 -10.85 18.61 6.21
CA ILE A 113 -10.09 17.70 5.36
C ILE A 113 -10.97 16.50 5.02
N LEU A 114 -10.95 16.08 3.76
CA LEU A 114 -11.73 14.91 3.33
C LEU A 114 -10.84 13.70 3.15
N ASP A 115 -10.99 12.69 3.99
CA ASP A 115 -10.27 11.43 3.82
C ASP A 115 -10.92 10.58 2.71
N SER A 116 -10.35 9.43 2.37
CA SER A 116 -10.98 8.66 1.29
C SER A 116 -12.43 8.26 1.57
N GLU A 117 -12.71 7.80 2.78
CA GLU A 117 -14.08 7.43 3.10
C GLU A 117 -15.07 8.60 3.01
N ASP A 118 -14.72 9.77 3.54
CA ASP A 118 -15.58 10.95 3.41
C ASP A 118 -15.64 11.50 1.98
N GLN A 119 -14.60 11.22 1.20
CA GLN A 119 -14.62 11.66 -0.19
C GLN A 119 -15.68 10.86 -0.92
N LEU A 120 -15.63 9.54 -0.74
CA LEU A 120 -16.60 8.64 -1.37
C LEU A 120 -18.03 9.02 -0.99
N ARG A 121 -18.24 9.30 0.28
CA ARG A 121 -19.56 9.64 0.79
C ARG A 121 -20.09 10.93 0.15
N LEU A 122 -19.22 11.91 -0.03
CA LEU A 122 -19.57 13.13 -0.73
C LEU A 122 -19.89 12.83 -2.19
N LEU A 123 -19.10 11.95 -2.80
CA LEU A 123 -19.34 11.65 -4.21
C LEU A 123 -20.63 10.86 -4.41
N LYS A 124 -20.94 9.95 -3.49
CA LYS A 124 -22.24 9.26 -3.51
C LYS A 124 -23.39 10.27 -3.55
N ARG A 125 -23.28 11.35 -2.77
CA ARG A 125 -24.31 12.38 -2.64
C ARG A 125 -24.37 13.28 -3.87
N LEU A 126 -23.19 13.52 -4.45
CA LEU A 126 -23.09 14.36 -5.63
C LEU A 126 -23.68 13.71 -6.88
N ILE A 127 -23.41 12.42 -7.08
CA ILE A 127 -23.89 11.67 -8.24
C ILE A 127 -25.43 11.70 -8.17
N LYS A 128 -25.97 11.46 -6.98
CA LYS A 128 -27.42 11.57 -6.75
C LYS A 128 -27.98 12.96 -7.05
N ALA A 129 -27.30 14.01 -6.62
CA ALA A 129 -27.83 15.35 -6.84
C ALA A 129 -27.68 15.85 -8.27
N MET A 130 -26.83 15.22 -9.06
CA MET A 130 -26.75 15.45 -10.50
C MET A 130 -27.74 14.63 -11.33
N ASN A 131 -28.47 13.75 -10.67
CA ASN A 131 -29.41 12.83 -11.34
C ASN A 131 -28.74 11.87 -12.31
N LEU A 132 -27.52 11.46 -11.96
CA LEU A 132 -26.84 10.46 -12.79
C LEU A 132 -27.25 9.09 -12.26
N ASP A 133 -27.36 8.17 -13.21
CA ASP A 133 -27.44 6.72 -13.00
C ASP A 133 -26.19 6.19 -12.30
N GLU A 134 -26.30 5.90 -11.01
CA GLU A 134 -25.23 5.33 -10.21
C GLU A 134 -24.67 4.01 -10.79
N LYS A 135 -25.55 3.22 -11.38
CA LYS A 135 -25.09 1.99 -12.04
C LYS A 135 -24.09 2.29 -13.15
N GLN A 136 -24.32 3.34 -13.92
CA GLN A 136 -23.47 3.65 -15.05
C GLN A 136 -22.32 4.57 -14.64
N TRP A 137 -22.53 5.31 -13.56
CA TRP A 137 -21.56 6.32 -13.13
C TRP A 137 -21.26 6.08 -11.65
N PRO A 138 -20.52 5.00 -11.34
CA PRO A 138 -20.41 4.62 -9.93
C PRO A 138 -19.58 5.62 -9.14
N PRO A 139 -20.04 5.97 -7.93
CA PRO A 139 -19.28 6.94 -7.14
C PRO A 139 -17.83 6.54 -6.96
N ARG A 140 -17.51 5.26 -6.78
CA ARG A 140 -16.11 4.89 -6.57
C ARG A 140 -15.28 5.17 -7.82
N GLN A 141 -15.91 5.10 -9.00
CA GLN A 141 -15.15 5.31 -10.23
C GLN A 141 -14.95 6.82 -10.38
N ALA A 142 -15.94 7.60 -9.98
CA ALA A 142 -15.75 9.04 -9.91
C ALA A 142 -14.54 9.35 -9.02
N MET A 143 -14.49 8.70 -7.86
CA MET A 143 -13.41 8.97 -6.91
C MET A 143 -12.03 8.62 -7.51
N TRP A 144 -11.95 7.46 -8.15
CA TRP A 144 -10.75 7.03 -8.88
C TRP A 144 -10.34 8.05 -9.95
N TYR A 145 -11.33 8.50 -10.70
CA TYR A 145 -11.08 9.47 -11.78
C TYR A 145 -10.55 10.80 -11.27
N ILE A 146 -11.21 11.32 -10.24
CA ILE A 146 -10.90 12.64 -9.70
C ILE A 146 -9.49 12.59 -9.10
N ASN A 147 -9.20 11.53 -8.34
CA ASN A 147 -7.90 11.47 -7.70
C ASN A 147 -6.80 11.33 -8.75
N SER A 148 -7.10 10.63 -9.84
CA SER A 148 -6.18 10.44 -10.95
C SER A 148 -5.82 11.79 -11.56
N GLN A 149 -6.82 12.67 -11.65
CA GLN A 149 -6.64 13.98 -12.26
C GLN A 149 -5.80 14.85 -11.33
N LYS A 150 -6.14 14.82 -10.04
CA LYS A 150 -5.44 15.69 -9.09
C LYS A 150 -4.02 15.27 -8.84
N ASP A 151 -3.75 13.98 -8.98
CA ASP A 151 -2.39 13.47 -8.88
C ASP A 151 -1.50 13.97 -10.02
N GLU A 152 -2.10 14.21 -11.18
CA GLU A 152 -1.44 14.90 -12.31
C GLU A 152 -1.42 16.42 -12.22
N GLY A 153 -2.04 16.99 -11.18
CA GLY A 153 -2.14 18.44 -11.03
C GLY A 153 -3.24 19.11 -11.85
N LEU A 154 -4.13 18.33 -12.46
CA LEU A 154 -5.16 18.84 -13.39
C LEU A 154 -6.39 19.37 -12.66
N ARG A 155 -6.85 20.54 -13.09
CA ARG A 155 -8.15 21.08 -12.63
C ARG A 155 -9.24 20.65 -13.61
N PRO A 156 -10.50 20.75 -13.21
CA PRO A 156 -11.54 20.38 -14.17
C PRO A 156 -11.59 21.38 -15.33
N HIS A 157 -11.78 20.91 -16.56
CA HIS A 157 -11.78 21.82 -17.70
C HIS A 157 -13.21 22.30 -18.05
N HIS A 158 -13.56 22.19 -19.34
CA HIS A 158 -14.68 22.94 -19.93
C HIS A 158 -16.03 22.21 -19.99
N ILE A 159 -16.25 21.52 -21.11
CA ILE A 159 -17.53 20.89 -21.42
C ILE A 159 -17.54 20.12 -22.73
N ASN A 164 -19.38 10.75 -28.86
CA ASN A 164 -19.85 10.83 -27.49
C ASN A 164 -18.73 10.54 -26.50
N PRO A 165 -18.54 11.44 -25.54
CA PRO A 165 -17.47 11.31 -24.56
C PRO A 165 -17.98 10.87 -23.19
N VAL A 166 -17.38 9.79 -22.69
CA VAL A 166 -17.58 9.32 -21.31
C VAL A 166 -16.74 10.17 -20.38
N GLU A 167 -15.52 10.47 -20.79
CA GLU A 167 -14.66 11.40 -20.06
C GLU A 167 -15.34 12.75 -19.87
N GLN A 168 -16.16 13.16 -20.85
CA GLN A 168 -16.93 14.39 -20.72
C GLN A 168 -17.88 14.38 -19.53
N THR A 169 -18.56 13.26 -19.32
CA THR A 169 -19.39 13.18 -18.14
C THR A 169 -18.57 13.16 -16.84
N TRP A 170 -17.45 12.42 -16.82
CA TRP A 170 -16.62 12.38 -15.63
C TRP A 170 -16.06 13.77 -15.31
N GLN A 171 -15.72 14.52 -16.34
CA GLN A 171 -15.19 15.88 -16.19
C GLN A 171 -16.25 16.74 -15.54
N LYS A 172 -17.52 16.49 -15.89
CA LYS A 172 -18.60 17.28 -15.34
C LYS A 172 -18.73 16.93 -13.86
N VAL A 173 -18.61 15.65 -13.54
CA VAL A 173 -18.65 15.25 -12.14
C VAL A 173 -17.49 15.87 -11.35
N TYR A 174 -16.30 15.87 -11.95
CA TYR A 174 -15.11 16.44 -11.34
C TYR A 174 -15.37 17.92 -11.10
N GLN A 175 -15.99 18.61 -12.06
CA GLN A 175 -16.23 20.04 -11.91
C GLN A 175 -17.23 20.27 -10.75
N ALA A 176 -18.25 19.43 -10.65
CA ALA A 176 -19.25 19.61 -9.60
C ALA A 176 -18.65 19.32 -8.22
N TYR A 177 -17.73 18.36 -8.18
CA TYR A 177 -17.05 17.99 -6.95
C TYR A 177 -16.22 19.16 -6.45
N GLN A 178 -15.51 19.79 -7.37
CA GLN A 178 -14.58 20.82 -6.99
C GLN A 178 -15.38 22.02 -6.51
N GLU A 179 -16.46 22.32 -7.22
CA GLU A 179 -17.34 23.41 -6.80
C GLU A 179 -17.91 23.12 -5.41
N ALA A 180 -18.34 21.89 -5.18
CA ALA A 180 -18.90 21.55 -3.88
C ALA A 180 -17.87 21.75 -2.76
N CYS A 181 -16.64 21.30 -3.02
CA CYS A 181 -15.56 21.45 -2.04
C CYS A 181 -15.23 22.92 -1.80
N ASP A 182 -15.14 23.72 -2.86
CA ASP A 182 -14.75 25.13 -2.74
C ASP A 182 -15.85 25.93 -2.06
N ARG A 183 -17.10 25.54 -2.28
CA ARG A 183 -18.21 26.20 -1.62
C ARG A 183 -18.10 26.01 -0.11
N ALA A 184 -18.03 24.76 0.34
CA ALA A 184 -18.17 24.37 1.73
C ALA A 184 -16.85 24.31 2.52
N GLY A 185 -15.72 24.59 1.85
CA GLY A 185 -14.41 24.52 2.51
C GLY A 185 -13.97 23.12 2.91
N LEU A 186 -14.09 22.18 1.96
CA LEU A 186 -13.64 20.80 2.12
C LEU A 186 -12.36 20.72 1.27
N VAL A 187 -11.35 20.03 1.79
CA VAL A 187 -10.06 19.89 1.08
C VAL A 187 -9.61 18.42 1.15
N ASP A 188 -9.54 17.73 0.01
CA ASP A 188 -9.04 16.36 -0.01
C ASP A 188 -7.51 16.29 0.13
N PHE A 189 -6.92 15.10 0.24
CA PHE A 189 -5.49 15.03 0.53
C PHE A 189 -4.65 15.64 -0.60
N ALA A 190 -5.03 15.38 -1.85
CA ALA A 190 -4.27 15.95 -2.96
C ALA A 190 -4.38 17.46 -2.99
N GLU A 191 -5.57 17.95 -2.65
CA GLU A 191 -5.78 19.37 -2.56
C GLU A 191 -4.85 20.06 -1.55
N LEU A 192 -4.60 19.45 -0.38
CA LEU A 192 -3.64 20.04 0.58
C LEU A 192 -2.34 20.56 -0.04
N LEU A 193 -1.65 19.69 -0.76
CA LEU A 193 -0.34 20.07 -1.24
C LEU A 193 -0.48 21.07 -2.36
N LEU A 194 -1.45 20.83 -3.23
CA LEU A 194 -1.70 21.75 -4.36
C LEU A 194 -2.00 23.14 -3.84
N ARG A 195 -2.90 23.26 -2.85
CA ARG A 195 -3.24 24.57 -2.31
C ARG A 195 -2.09 25.21 -1.57
N ALA A 196 -1.29 24.40 -0.89
CA ALA A 196 -0.14 24.92 -0.16
C ALA A 196 0.89 25.47 -1.15
N HIS A 197 1.11 24.72 -2.21
CA HIS A 197 2.07 25.16 -3.23
C HIS A 197 1.56 26.46 -3.85
N GLU A 198 0.29 26.51 -4.19
CA GLU A 198 -0.33 27.73 -4.74
C GLU A 198 -0.22 28.94 -3.83
N LEU A 199 -0.35 28.74 -2.52
CA LEU A 199 -0.14 29.79 -1.56
C LEU A 199 1.25 30.43 -1.69
N TRP A 200 2.28 29.62 -1.79
CA TRP A 200 3.65 30.14 -1.93
C TRP A 200 3.86 30.82 -3.32
N LEU A 201 3.20 30.32 -4.34
CA LEU A 201 3.34 30.87 -5.69
C LEU A 201 2.65 32.22 -5.77
N ASN A 202 1.57 32.36 -5.04
CA ASN A 202 0.64 33.48 -5.21
C ASN A 202 0.78 34.61 -4.19
N LYS A 203 1.49 34.37 -3.10
CA LYS A 203 1.56 35.31 -2.00
C LYS A 203 3.01 35.49 -1.61
N PRO A 204 3.70 36.42 -2.30
CA PRO A 204 5.14 36.59 -2.10
C PRO A 204 5.53 36.87 -0.66
N HIS A 205 4.71 37.64 0.06
CA HIS A 205 5.10 38.04 1.40
C HIS A 205 4.95 36.84 2.34
N ILE A 206 4.03 35.92 2.03
CA ILE A 206 3.94 34.66 2.77
C ILE A 206 5.14 33.74 2.48
N LEU A 207 5.45 33.53 1.20
CA LEU A 207 6.63 32.72 0.86
C LEU A 207 7.91 33.29 1.50
N GLN A 208 8.08 34.61 1.52
CA GLN A 208 9.31 35.15 2.09
C GLN A 208 9.36 34.92 3.59
N HIS A 209 8.22 34.97 4.25
CA HIS A 209 8.18 34.73 5.70
C HIS A 209 8.77 33.36 6.04
N TYR A 210 8.23 32.33 5.37
CA TYR A 210 8.60 30.94 5.63
C TYR A 210 10.00 30.61 5.15
N ARG A 211 10.44 31.21 4.04
CA ARG A 211 11.85 31.05 3.65
C ARG A 211 12.81 31.71 4.63
N GLU A 212 12.44 32.82 5.25
CA GLU A 212 13.28 33.42 6.26
C GLU A 212 13.21 32.71 7.60
N ARG A 213 12.10 32.02 7.84
CA ARG A 213 11.93 31.30 9.10
C ARG A 213 12.62 29.93 9.01
N PHE A 214 12.12 29.10 8.11
CA PHE A 214 12.68 27.76 7.96
C PHE A 214 13.94 27.67 7.10
N THR A 215 15.08 28.06 7.68
CA THR A 215 16.32 28.03 6.93
C THR A 215 16.97 26.66 7.07
N ASN A 216 16.41 25.79 7.92
CA ASN A 216 16.97 24.44 8.08
C ASN A 216 15.84 23.47 7.76
N ILE A 217 15.94 22.80 6.60
CA ILE A 217 14.90 21.89 6.19
C ILE A 217 15.51 20.50 6.12
N LEU A 218 14.79 19.50 6.63
CA LEU A 218 15.26 18.11 6.50
C LEU A 218 14.07 17.29 5.97
N VAL A 219 14.35 16.39 5.03
CA VAL A 219 13.30 15.56 4.43
C VAL A 219 13.77 14.12 4.44
N ASP A 220 13.01 13.22 5.05
CA ASP A 220 13.38 11.78 4.98
C ASP A 220 12.78 11.06 3.78
N GLU A 221 13.23 9.82 3.51
CA GLU A 221 12.66 8.94 2.48
C GLU A 221 12.53 9.70 1.16
N PHE A 222 13.58 10.40 0.77
CA PHE A 222 13.44 11.33 -0.34
C PHE A 222 13.19 10.57 -1.66
N GLN A 223 13.66 9.33 -1.74
CA GLN A 223 13.46 8.57 -2.96
C GLN A 223 11.99 8.35 -3.23
N ASP A 224 11.12 8.45 -2.23
CA ASP A 224 9.71 8.22 -2.57
C ASP A 224 8.82 9.48 -2.67
N THR A 225 9.49 10.62 -2.77
CA THR A 225 8.81 11.88 -2.98
C THR A 225 8.22 11.90 -4.39
N ASN A 226 7.10 12.62 -4.51
CA ASN A 226 6.50 12.78 -5.83
C ASN A 226 6.83 14.17 -6.38
N ASN A 227 6.23 14.45 -7.52
CA ASN A 227 6.57 15.70 -8.20
C ASN A 227 6.18 16.93 -7.37
N ILE A 228 4.94 16.96 -6.84
CA ILE A 228 4.41 18.14 -6.13
C ILE A 228 5.20 18.33 -4.83
N GLN A 229 5.55 17.22 -4.18
CA GLN A 229 6.31 17.34 -2.94
C GLN A 229 7.68 17.95 -3.22
N TYR A 230 8.34 17.43 -4.24
CA TYR A 230 9.64 17.99 -4.65
C TYR A 230 9.52 19.48 -4.95
N ALA A 231 8.52 19.85 -5.74
CA ALA A 231 8.29 21.29 -6.08
C ALA A 231 8.10 22.16 -4.85
N TRP A 232 7.30 21.68 -3.91
CA TRP A 232 6.99 22.41 -2.70
C TRP A 232 8.24 22.65 -1.87
N ILE A 233 9.07 21.61 -1.69
CA ILE A 233 10.32 21.78 -0.94
C ILE A 233 11.27 22.74 -1.64
N ARG A 234 11.37 22.58 -2.94
CA ARG A 234 12.34 23.41 -3.65
C ARG A 234 11.93 24.88 -3.51
N LEU A 235 10.63 25.13 -3.70
CA LEU A 235 10.12 26.51 -3.62
C LEU A 235 10.32 27.14 -2.24
N LEU A 236 10.11 26.33 -1.20
CA LEU A 236 10.35 26.84 0.14
C LEU A 236 11.81 27.19 0.33
N ALA A 237 12.72 26.37 -0.16
CA ALA A 237 14.13 26.56 0.14
C ALA A 237 14.69 27.75 -0.68
N GLY A 238 14.15 27.95 -1.87
CA GLY A 238 14.70 29.02 -2.73
C GLY A 238 16.22 28.92 -2.70
N ASP A 239 16.95 30.04 -2.63
CA ASP A 239 18.40 29.85 -2.59
C ASP A 239 19.02 30.16 -1.24
N THR A 240 18.18 30.27 -0.21
CA THR A 240 18.65 30.61 1.11
C THR A 240 18.56 29.47 2.11
N GLY A 241 17.58 28.58 1.96
CA GLY A 241 17.43 27.47 2.89
C GLY A 241 18.47 26.38 2.69
N LYS A 242 18.90 25.76 3.80
CA LYS A 242 19.93 24.76 3.71
C LYS A 242 19.18 23.45 3.96
N VAL A 243 19.22 22.56 2.98
CA VAL A 243 18.32 21.41 2.99
C VAL A 243 19.18 20.14 3.17
N MET A 244 18.81 19.25 4.09
CA MET A 244 19.42 17.94 4.09
C MET A 244 18.28 17.02 3.61
N ILE A 245 18.53 16.26 2.57
CA ILE A 245 17.61 15.17 2.21
C ILE A 245 18.30 13.88 2.57
N VAL A 246 17.47 12.95 3.05
CA VAL A 246 17.93 11.62 3.43
C VAL A 246 17.14 10.60 2.64
N GLY A 247 17.86 9.70 1.97
CA GLY A 247 17.17 8.78 1.04
C GLY A 247 18.06 7.69 0.50
N ASP A 248 17.47 6.74 -0.22
CA ASP A 248 18.25 5.69 -0.90
C ASP A 248 17.60 5.42 -2.24
N ASP A 249 18.24 5.85 -3.33
CA ASP A 249 17.65 5.67 -4.64
C ASP A 249 17.43 4.18 -4.95
N ASP A 250 18.21 3.29 -4.32
CA ASP A 250 18.08 1.87 -4.60
C ASP A 250 16.85 1.27 -3.93
N GLN A 251 16.19 2.06 -3.08
CA GLN A 251 14.98 1.58 -2.44
C GLN A 251 13.72 2.30 -2.88
N SER A 252 13.77 3.05 -3.99
CA SER A 252 12.52 3.66 -4.47
C SER A 252 11.57 2.61 -5.09
N ILE A 253 10.44 2.35 -4.45
CA ILE A 253 9.54 1.28 -4.86
C ILE A 253 8.09 1.74 -4.99
N TYR A 254 7.81 3.03 -4.81
CA TYR A 254 6.44 3.50 -4.90
C TYR A 254 6.15 4.27 -6.19
N GLY A 255 6.78 3.89 -7.30
CA GLY A 255 6.49 4.49 -8.59
C GLY A 255 5.01 4.55 -8.93
N TRP A 256 4.30 3.43 -8.78
CA TRP A 256 2.87 3.39 -9.07
C TRP A 256 2.03 4.41 -8.28
N ARG A 257 2.57 4.90 -7.19
CA ARG A 257 1.94 5.87 -6.32
C ARG A 257 2.40 7.30 -6.64
N GLY A 258 3.28 7.39 -7.63
CA GLY A 258 3.81 8.67 -8.11
C GLY A 258 5.21 8.98 -7.59
N ALA A 259 5.83 8.08 -6.84
CA ALA A 259 7.20 8.32 -6.40
C ALA A 259 8.11 8.49 -7.62
N GLN A 260 9.09 9.37 -7.47
CA GLN A 260 10.10 9.69 -8.48
C GLN A 260 11.51 9.35 -8.01
N VAL A 261 12.01 8.20 -8.44
CA VAL A 261 13.36 7.77 -8.03
C VAL A 261 14.39 8.81 -8.46
N GLU A 262 14.08 9.56 -9.52
CA GLU A 262 15.03 10.57 -9.95
C GLU A 262 15.12 11.83 -9.07
N ASN A 263 14.22 11.98 -8.10
CA ASN A 263 14.25 13.18 -7.24
C ASN A 263 15.55 13.33 -6.46
N ILE A 264 16.25 12.23 -6.19
CA ILE A 264 17.48 12.35 -5.42
C ILE A 264 18.52 13.06 -6.32
N GLN A 265 18.64 12.58 -7.57
CA GLN A 265 19.55 13.24 -8.52
C GLN A 265 19.09 14.65 -8.85
N ARG A 266 17.79 14.87 -8.94
CA ARG A 266 17.28 16.23 -9.14
C ARG A 266 17.69 17.20 -8.03
N PHE A 267 17.64 16.76 -6.77
CA PHE A 267 18.21 17.55 -5.70
C PHE A 267 19.67 17.97 -5.94
N LEU A 268 20.52 17.03 -6.34
CA LEU A 268 21.93 17.31 -6.53
C LEU A 268 22.09 18.33 -7.68
N ASN A 269 21.21 18.20 -8.66
CA ASN A 269 21.17 19.12 -9.83
C ASN A 269 20.66 20.53 -9.50
N ASP A 270 19.74 20.65 -8.53
CA ASP A 270 18.99 21.89 -8.31
C ASP A 270 19.51 22.75 -7.16
N PHE A 271 20.34 22.11 -6.33
CA PHE A 271 20.88 22.71 -5.11
C PHE A 271 22.39 22.84 -5.24
N PRO A 272 22.86 24.02 -5.72
CA PRO A 272 24.30 24.23 -5.90
C PRO A 272 25.19 23.72 -4.79
N GLY A 273 24.89 24.04 -3.53
CA GLY A 273 25.74 23.41 -2.50
C GLY A 273 26.15 21.93 -2.60
N ALA A 274 25.37 21.12 -3.31
CA ALA A 274 24.90 19.86 -2.70
C ALA A 274 25.93 18.75 -2.75
N GLU A 275 26.47 18.41 -1.60
CA GLU A 275 27.33 17.24 -1.62
C GLU A 275 26.61 16.02 -1.03
N THR A 276 27.23 14.88 -1.26
CA THR A 276 26.63 13.60 -0.92
C THR A 276 27.50 12.91 0.16
N ILE A 277 26.85 12.44 1.22
CA ILE A 277 27.56 11.68 2.25
C ILE A 277 26.89 10.31 2.29
N ARG A 278 27.67 9.26 2.02
CA ARG A 278 27.08 7.91 1.98
C ARG A 278 27.12 7.28 3.37
N LEU A 279 26.02 6.67 3.84
CA LEU A 279 26.09 5.83 5.03
C LEU A 279 26.01 4.39 4.53
N GLU A 280 27.15 3.72 4.48
CA GLU A 280 27.22 2.35 3.93
C GLU A 280 27.33 1.28 5.00
N GLN A 281 27.66 1.69 6.23
CA GLN A 281 27.86 0.74 7.33
C GLN A 281 26.51 0.35 7.92
N ASN A 282 26.24 -0.95 7.86
CA ASN A 282 24.92 -1.53 8.10
C ASN A 282 24.99 -2.28 9.45
N TYR A 283 23.94 -2.19 10.24
CA TYR A 283 23.92 -2.88 11.53
C TYR A 283 22.82 -3.92 11.65
N ARG A 284 22.32 -4.35 10.50
CA ARG A 284 21.14 -5.21 10.46
C ARG A 284 21.51 -6.62 10.03
N SER A 285 22.26 -6.70 8.94
CA SER A 285 22.33 -7.90 8.12
C SER A 285 23.75 -8.51 8.16
N THR A 286 23.94 -9.77 7.77
CA THR A 286 25.25 -10.40 7.86
C THR A 286 26.03 -9.93 6.65
N SER A 287 27.34 -10.21 6.61
CA SER A 287 28.09 -9.70 5.46
C SER A 287 27.69 -10.51 4.22
N ASN A 288 27.29 -11.77 4.39
CA ASN A 288 26.91 -12.56 3.22
C ASN A 288 25.68 -11.96 2.53
N ILE A 289 24.69 -11.61 3.35
CA ILE A 289 23.46 -11.00 2.85
C ILE A 289 23.81 -9.69 2.14
N LEU A 290 24.67 -8.88 2.75
CA LEU A 290 25.03 -7.59 2.14
C LEU A 290 25.75 -7.74 0.81
N SER A 291 26.69 -8.67 0.77
CA SER A 291 27.38 -8.94 -0.46
C SER A 291 26.40 -9.29 -1.61
N ALA A 292 25.38 -10.07 -1.29
CA ALA A 292 24.35 -10.42 -2.25
C ALA A 292 23.46 -9.24 -2.67
N ALA A 293 23.02 -8.43 -1.70
CA ALA A 293 22.36 -7.16 -2.01
C ALA A 293 23.18 -6.28 -2.97
N ASN A 294 24.45 -6.10 -2.61
CA ASN A 294 25.31 -5.17 -3.32
C ASN A 294 25.39 -5.60 -4.76
N ALA A 295 25.55 -6.91 -4.97
CA ALA A 295 25.73 -7.40 -6.33
C ALA A 295 24.46 -7.32 -7.14
N LEU A 296 23.36 -7.75 -6.51
CA LEU A 296 22.04 -7.67 -7.11
C LEU A 296 21.78 -6.29 -7.72
N ILE A 297 21.84 -5.25 -6.89
CA ILE A 297 21.47 -3.92 -7.31
C ILE A 297 22.39 -3.33 -8.40
N GLU A 298 23.63 -3.81 -8.51
CA GLU A 298 24.52 -3.34 -9.58
C GLU A 298 23.91 -3.50 -10.98
N ASN A 299 22.93 -4.39 -11.11
CA ASN A 299 22.30 -4.62 -12.39
C ASN A 299 21.39 -3.50 -12.85
N ASN A 300 21.09 -2.55 -11.96
CA ASN A 300 20.38 -1.34 -12.36
C ASN A 300 21.37 -0.31 -12.88
N ASN A 301 20.90 0.58 -13.75
CA ASN A 301 21.75 1.65 -14.29
C ASN A 301 21.56 3.04 -13.69
N GLY A 302 20.33 3.38 -13.34
CA GLY A 302 20.07 4.75 -12.94
C GLY A 302 20.32 4.92 -11.47
N ARG A 303 21.58 4.84 -11.05
CA ARG A 303 21.89 4.85 -9.62
C ARG A 303 23.18 5.54 -9.20
N LEU A 304 23.19 6.17 -8.03
CA LEU A 304 24.38 6.81 -7.48
C LEU A 304 25.44 5.78 -7.15
N GLY A 305 25.03 4.62 -6.65
CA GLY A 305 25.98 3.59 -6.32
C GLY A 305 26.42 3.67 -4.87
N LYS A 306 26.69 2.50 -4.29
CA LYS A 306 27.28 2.39 -2.95
C LYS A 306 27.69 0.94 -2.72
N LYS A 307 28.31 0.67 -1.58
CA LYS A 307 28.61 -0.71 -1.19
C LYS A 307 28.40 -0.86 0.31
N LEU A 308 27.30 -1.52 0.66
CA LEU A 308 26.96 -1.78 2.05
C LEU A 308 28.00 -2.74 2.64
N TRP A 309 28.29 -2.56 3.92
CA TRP A 309 29.27 -3.39 4.63
C TRP A 309 28.88 -3.47 6.10
N THR A 310 29.37 -4.49 6.80
CA THR A 310 29.08 -4.56 8.21
C THR A 310 30.30 -5.08 8.98
N ASP A 311 30.38 -4.68 10.25
CA ASP A 311 31.33 -5.27 11.19
C ASP A 311 30.69 -6.46 11.92
N GLY A 312 29.48 -6.85 11.51
CA GLY A 312 28.76 -7.97 12.16
C GLY A 312 29.13 -9.32 11.55
N ALA A 313 28.27 -10.31 11.81
CA ALA A 313 28.56 -11.67 11.39
C ALA A 313 28.78 -11.85 9.90
N ASP A 314 29.67 -12.79 9.58
CA ASP A 314 29.87 -13.23 8.22
C ASP A 314 28.55 -13.79 7.70
N GLY A 315 27.93 -14.67 8.50
CA GLY A 315 26.60 -15.17 8.15
C GLY A 315 26.55 -16.52 7.45
N GLU A 316 25.45 -17.21 7.65
CA GLU A 316 25.07 -18.36 6.84
C GLU A 316 24.81 -18.04 5.36
N PRO A 317 24.83 -19.06 4.48
CA PRO A 317 24.42 -18.88 3.11
C PRO A 317 22.96 -18.44 3.00
N ILE A 318 22.64 -17.87 1.86
CA ILE A 318 21.27 -17.66 1.43
C ILE A 318 20.81 -19.02 0.91
N SER A 319 19.74 -19.55 1.50
CA SER A 319 19.17 -20.81 1.01
C SER A 319 18.32 -20.61 -0.22
N LEU A 320 18.41 -21.55 -1.17
CA LEU A 320 17.59 -21.50 -2.37
C LEU A 320 16.88 -22.83 -2.54
N TYR A 321 15.56 -22.76 -2.73
CA TYR A 321 14.80 -24.00 -2.94
C TYR A 321 13.93 -23.91 -4.20
N CYS A 322 14.04 -24.95 -5.01
CA CYS A 322 13.17 -25.13 -6.16
C CYS A 322 12.06 -26.08 -5.77
N ALA A 323 10.85 -25.53 -5.68
CA ALA A 323 9.64 -26.29 -5.37
C ALA A 323 9.05 -26.81 -6.69
N PHE A 324 8.43 -27.98 -6.64
CA PHE A 324 7.75 -28.44 -7.85
C PHE A 324 6.54 -27.57 -8.19
N ASN A 325 5.85 -27.10 -7.15
CA ASN A 325 4.72 -26.21 -7.35
C ASN A 325 4.46 -25.37 -6.10
N GLU A 326 3.41 -24.55 -6.12
CA GLU A 326 3.23 -23.55 -5.06
C GLU A 326 2.81 -24.16 -3.75
N LEU A 327 2.26 -25.38 -3.82
CA LEU A 327 1.86 -26.03 -2.59
C LEU A 327 3.11 -26.64 -1.94
N ASP A 328 3.99 -27.24 -2.77
CA ASP A 328 5.35 -27.67 -2.37
C ASP A 328 6.13 -26.51 -1.70
N GLU A 329 6.06 -25.34 -2.32
CA GLU A 329 6.75 -24.17 -1.77
C GLU A 329 6.24 -23.77 -0.39
N ALA A 330 4.92 -23.70 -0.22
CA ALA A 330 4.37 -23.26 1.05
C ALA A 330 4.71 -24.26 2.15
N ARG A 331 4.69 -25.55 1.80
CA ARG A 331 4.98 -26.58 2.78
C ARG A 331 6.42 -26.44 3.24
N PHE A 332 7.32 -26.23 2.29
CA PHE A 332 8.73 -26.09 2.60
C PHE A 332 8.95 -24.95 3.59
N VAL A 333 8.40 -23.78 3.25
CA VAL A 333 8.63 -22.58 4.09
C VAL A 333 8.14 -22.88 5.50
N VAL A 334 6.93 -23.45 5.59
CA VAL A 334 6.37 -23.76 6.90
C VAL A 334 7.28 -24.69 7.73
N ASN A 335 7.85 -25.67 7.05
CA ASN A 335 8.72 -26.63 7.73
C ASN A 335 10.03 -26.01 8.20
N ARG A 336 10.54 -25.08 7.40
CA ARG A 336 11.74 -24.36 7.82
C ARG A 336 11.44 -23.52 9.06
N ILE A 337 10.29 -22.86 9.12
CA ILE A 337 9.99 -22.07 10.32
C ILE A 337 9.78 -22.99 11.54
N LYS A 338 9.13 -24.13 11.33
CA LYS A 338 9.02 -25.13 12.42
C LYS A 338 10.39 -25.44 13.06
N THR A 339 11.40 -25.66 12.22
CA THR A 339 12.72 -25.97 12.72
C THR A 339 13.25 -24.82 13.59
N TRP A 340 13.08 -23.59 13.10
CA TRP A 340 13.49 -22.38 13.82
C TRP A 340 12.76 -22.28 15.15
N GLN A 341 11.47 -22.62 15.16
CA GLN A 341 10.64 -22.39 16.35
C GLN A 341 11.06 -23.44 17.38
N ASP A 342 11.23 -24.66 16.88
CA ASP A 342 11.66 -25.78 17.72
C ASP A 342 13.03 -25.57 18.36
N ASN A 343 13.91 -24.81 17.70
CA ASN A 343 15.18 -24.45 18.33
C ASN A 343 15.12 -23.23 19.23
N GLY A 344 13.92 -22.68 19.42
CA GLY A 344 13.73 -21.60 20.38
C GLY A 344 13.46 -20.25 19.74
N GLY A 345 13.32 -20.20 18.42
CA GLY A 345 13.05 -18.92 17.75
C GLY A 345 11.59 -18.51 17.84
N ALA A 346 11.33 -17.21 17.77
CA ALA A 346 9.96 -16.70 17.85
C ALA A 346 9.37 -16.72 16.46
N LEU A 347 8.08 -16.98 16.37
CA LEU A 347 7.48 -16.95 15.04
C LEU A 347 7.51 -15.55 14.43
N ALA A 348 7.36 -14.53 15.27
CA ALA A 348 7.39 -13.14 14.78
C ALA A 348 8.75 -12.68 14.27
N GLU A 349 9.80 -13.45 14.53
CA GLU A 349 11.11 -13.18 13.93
C GLU A 349 11.24 -13.79 12.56
N CYS A 350 10.14 -14.37 12.07
CA CYS A 350 10.10 -14.91 10.71
C CYS A 350 9.12 -14.17 9.80
N ALA A 351 9.60 -13.68 8.66
CA ALA A 351 8.70 -13.05 7.71
C ALA A 351 8.70 -13.77 6.36
N ILE A 352 7.50 -13.90 5.79
CA ILE A 352 7.39 -14.45 4.44
C ILE A 352 6.90 -13.31 3.52
N LEU A 353 7.71 -13.01 2.50
CA LEU A 353 7.47 -11.89 1.61
C LEU A 353 7.14 -12.41 0.23
N TYR A 354 6.17 -11.74 -0.39
CA TYR A 354 5.73 -12.10 -1.74
C TYR A 354 5.46 -10.85 -2.60
N ARG A 355 5.62 -10.97 -3.91
CA ARG A 355 5.38 -9.83 -4.80
C ARG A 355 3.95 -9.33 -4.85
N SER A 356 3.03 -10.28 -4.99
CA SER A 356 1.62 -10.00 -5.15
C SER A 356 0.85 -10.65 -4.01
N ASN A 357 -0.06 -9.90 -3.39
CA ASN A 357 -0.74 -10.40 -2.19
C ASN A 357 -1.59 -11.65 -2.40
N ALA A 358 -1.98 -11.90 -3.65
CA ALA A 358 -2.69 -13.13 -3.98
C ALA A 358 -1.87 -14.42 -3.71
N GLN A 359 -0.55 -14.26 -3.68
CA GLN A 359 0.35 -15.33 -3.25
C GLN A 359 0.15 -15.78 -1.82
N SER A 360 -0.45 -14.95 -0.97
CA SER A 360 -0.48 -15.27 0.45
C SER A 360 -1.37 -16.49 0.70
N ARG A 361 -2.38 -16.69 -0.15
CA ARG A 361 -3.42 -17.69 0.15
C ARG A 361 -2.90 -19.10 0.48
N VAL A 362 -2.09 -19.63 -0.42
CA VAL A 362 -1.54 -20.98 -0.25
C VAL A 362 -0.63 -21.03 0.97
N LEU A 363 0.07 -19.93 1.25
CA LEU A 363 0.83 -19.85 2.50
C LEU A 363 -0.04 -19.86 3.73
N GLU A 364 -1.06 -19.01 3.79
CA GLU A 364 -2.01 -19.05 4.88
C GLU A 364 -2.59 -20.46 5.11
N GLU A 365 -2.93 -21.13 4.01
CA GLU A 365 -3.55 -22.47 4.11
C GLU A 365 -2.57 -23.45 4.74
N ALA A 366 -1.31 -23.38 4.30
CA ALA A 366 -0.24 -24.22 4.84
C ALA A 366 0.05 -23.96 6.32
N LEU A 367 0.03 -22.69 6.69
CA LEU A 367 0.17 -22.29 8.06
C LEU A 367 -0.96 -22.79 8.96
N LEU A 368 -2.21 -22.65 8.50
CA LEU A 368 -3.39 -23.13 9.23
C LEU A 368 -3.25 -24.63 9.44
N GLN A 369 -2.87 -25.31 8.37
CA GLN A 369 -2.74 -26.78 8.39
C GLN A 369 -1.71 -27.29 9.40
N ALA A 370 -0.67 -26.49 9.59
CA ALA A 370 0.36 -26.74 10.60
C ALA A 370 0.07 -26.19 11.99
N SER A 371 -1.10 -25.59 12.17
CA SER A 371 -1.46 -24.92 13.42
C SER A 371 -0.40 -23.90 13.81
N MET A 372 0.12 -23.18 12.82
CA MET A 372 1.15 -22.18 13.09
C MET A 372 0.53 -20.79 12.95
N PRO A 373 0.44 -20.03 14.05
CA PRO A 373 -0.14 -18.70 13.93
C PRO A 373 0.60 -17.79 12.95
N TYR A 374 -0.18 -16.98 12.26
CA TYR A 374 0.39 -15.96 11.37
C TYR A 374 -0.44 -14.67 11.45
N ARG A 375 0.11 -13.58 10.91
CA ARG A 375 -0.65 -12.34 10.80
C ARG A 375 -0.20 -11.74 9.47
N ILE A 376 -1.12 -11.09 8.76
CA ILE A 376 -0.69 -10.39 7.56
C ILE A 376 -0.29 -8.99 8.03
N TYR A 377 0.88 -8.50 7.64
CA TYR A 377 1.30 -7.15 7.99
C TYR A 377 0.92 -6.24 6.84
N GLY A 378 0.19 -5.14 7.09
CA GLY A 378 -0.14 -4.15 6.05
C GLY A 378 -1.23 -4.56 5.08
N GLY A 379 -1.98 -5.60 5.44
CA GLY A 379 -3.04 -6.11 4.54
C GLY A 379 -3.98 -7.03 5.30
N MET A 380 -4.97 -7.56 4.58
CA MET A 380 -5.95 -8.46 5.20
C MET A 380 -5.60 -9.89 4.75
N ARG A 381 -6.02 -10.88 5.51
CA ARG A 381 -5.99 -12.29 5.11
C ARG A 381 -6.79 -12.42 3.84
N PHE A 382 -6.41 -13.36 2.97
CA PHE A 382 -7.08 -13.54 1.68
C PHE A 382 -8.61 -13.55 1.74
N PHE A 383 -9.15 -14.37 2.63
CA PHE A 383 -10.60 -14.51 2.72
C PHE A 383 -11.30 -13.32 3.36
N GLU A 384 -10.52 -12.34 3.84
CA GLU A 384 -11.10 -11.10 4.36
C GLU A 384 -10.98 -9.88 3.44
N ARG A 385 -10.35 -10.10 2.29
CA ARG A 385 -10.15 -9.01 1.33
C ARG A 385 -11.46 -8.62 0.70
N GLN A 386 -11.67 -7.33 0.46
CA GLN A 386 -13.02 -6.87 0.07
C GLN A 386 -13.57 -7.60 -1.16
N GLU A 387 -12.72 -7.77 -2.17
CA GLU A 387 -13.08 -8.39 -3.43
C GLU A 387 -13.48 -9.83 -3.23
N ILE A 388 -12.77 -10.52 -2.34
CA ILE A 388 -13.10 -11.89 -1.96
C ILE A 388 -14.41 -11.94 -1.15
N LYS A 389 -14.56 -11.09 -0.15
CA LYS A 389 -15.80 -11.11 0.63
C LYS A 389 -16.97 -10.89 -0.35
N ASP A 390 -16.78 -10.02 -1.33
CA ASP A 390 -17.86 -9.68 -2.26
C ASP A 390 -18.17 -10.89 -3.17
N ALA A 391 -17.17 -11.50 -3.79
CA ALA A 391 -17.41 -12.73 -4.54
C ALA A 391 -18.10 -13.82 -3.70
N LEU A 392 -17.58 -14.07 -2.50
CA LEU A 392 -18.13 -15.12 -1.62
C LEU A 392 -19.60 -14.88 -1.28
N SER A 393 -19.97 -13.61 -1.12
CA SER A 393 -21.37 -13.28 -0.89
C SER A 393 -22.27 -13.55 -2.11
N TYR A 394 -21.80 -13.39 -3.34
CA TYR A 394 -22.59 -13.89 -4.47
C TYR A 394 -22.78 -15.41 -4.37
N LEU A 395 -21.71 -16.12 -4.07
CA LEU A 395 -21.80 -17.59 -3.95
C LEU A 395 -22.71 -18.00 -2.78
N ARG A 396 -22.74 -17.21 -1.71
CA ARG A 396 -23.54 -17.50 -0.53
C ARG A 396 -25.02 -17.35 -0.88
N LEU A 397 -25.33 -16.33 -1.67
CA LEU A 397 -26.72 -16.17 -2.10
C LEU A 397 -27.16 -17.25 -3.03
N ILE A 398 -26.30 -17.69 -3.95
CA ILE A 398 -26.57 -18.88 -4.77
C ILE A 398 -26.86 -20.09 -3.88
N ALA A 399 -26.01 -20.32 -2.89
CA ALA A 399 -26.25 -21.40 -1.93
C ALA A 399 -27.58 -21.28 -1.21
N ASN A 400 -27.86 -20.07 -0.70
CA ASN A 400 -29.08 -19.83 0.06
C ASN A 400 -29.52 -18.37 -0.01
N ARG A 401 -30.68 -18.13 -0.62
CA ARG A 401 -31.20 -16.75 -0.78
C ARG A 401 -31.48 -16.15 0.59
N ASN A 402 -31.65 -16.99 1.62
CA ASN A 402 -31.95 -16.46 2.94
C ASN A 402 -30.77 -15.92 3.78
N ASP A 403 -29.63 -15.80 3.10
CA ASP A 403 -28.40 -15.29 3.71
C ASP A 403 -28.37 -13.76 3.70
N ASP A 404 -28.94 -13.20 4.76
CA ASP A 404 -29.20 -11.75 4.87
C ASP A 404 -27.89 -10.99 4.85
N ALA A 405 -26.85 -11.54 5.47
CA ALA A 405 -25.60 -10.81 5.47
C ALA A 405 -25.03 -10.74 4.05
N ALA A 406 -25.18 -11.82 3.30
CA ALA A 406 -24.66 -11.85 1.92
C ALA A 406 -25.48 -10.91 1.05
N PHE A 407 -26.78 -10.87 1.31
CA PHE A 407 -27.67 -9.93 0.61
C PHE A 407 -27.18 -8.50 0.80
N GLU A 408 -26.95 -8.14 2.06
CA GLU A 408 -26.55 -6.77 2.42
C GLU A 408 -25.21 -6.43 1.79
N ARG A 409 -24.32 -7.41 1.71
CA ARG A 409 -23.00 -7.14 1.17
C ARG A 409 -23.02 -6.80 -0.32
N VAL A 410 -23.90 -7.45 -1.10
CA VAL A 410 -23.80 -7.30 -2.55
C VAL A 410 -25.04 -6.76 -3.29
N VAL A 411 -26.11 -6.50 -2.58
CA VAL A 411 -27.26 -5.91 -3.24
C VAL A 411 -26.89 -4.67 -4.06
N ASN A 412 -25.99 -3.85 -3.53
CA ASN A 412 -25.48 -2.67 -4.24
C ASN A 412 -23.96 -2.68 -4.54
N THR A 413 -23.38 -3.87 -4.72
CA THR A 413 -21.98 -3.98 -5.15
C THR A 413 -21.93 -5.04 -6.26
N PRO A 414 -21.56 -4.64 -7.48
CA PRO A 414 -21.26 -3.27 -7.91
C PRO A 414 -22.53 -2.43 -7.79
N THR A 415 -22.40 -1.10 -7.90
CA THR A 415 -23.51 -0.14 -7.62
C THR A 415 -24.63 -0.43 -8.60
N ARG A 416 -25.87 -0.51 -8.12
CA ARG A 416 -27.02 -0.83 -8.97
C ARG A 416 -28.08 0.23 -8.78
N GLY A 417 -27.81 1.22 -7.94
CA GLY A 417 -28.74 2.31 -7.71
C GLY A 417 -29.89 1.82 -6.86
N ILE A 418 -29.60 0.85 -6.01
CA ILE A 418 -30.58 0.44 -5.00
C ILE A 418 -30.23 1.19 -3.71
N GLY A 419 -31.07 2.19 -3.42
CA GLY A 419 -30.80 3.24 -2.43
C GLY A 419 -31.11 2.87 -1.00
N ASP A 420 -30.68 3.73 -0.07
CA ASP A 420 -30.75 3.43 1.35
C ASP A 420 -32.18 3.44 1.88
N ARG A 421 -33.02 4.33 1.36
CA ARG A 421 -34.41 4.37 1.82
C ARG A 421 -35.13 3.10 1.38
N THR A 422 -34.79 2.61 0.19
CA THR A 422 -35.44 1.40 -0.32
C THR A 422 -35.07 0.22 0.55
N LEU A 423 -33.78 0.12 0.89
CA LEU A 423 -33.30 -0.95 1.74
C LEU A 423 -33.85 -0.83 3.15
N ASP A 424 -34.11 0.39 3.60
CA ASP A 424 -34.69 0.56 4.92
C ASP A 424 -36.09 -0.06 4.97
N VAL A 425 -36.83 0.06 3.88
CA VAL A 425 -38.15 -0.57 3.77
C VAL A 425 -38.03 -2.09 3.79
N VAL A 426 -37.03 -2.62 3.09
CA VAL A 426 -36.92 -4.07 2.96
C VAL A 426 -36.64 -4.63 4.36
N ARG A 427 -35.77 -3.94 5.09
CA ARG A 427 -35.32 -4.42 6.40
C ARG A 427 -36.44 -4.33 7.43
N GLN A 428 -37.18 -3.22 7.40
CA GLN A 428 -38.33 -3.07 8.29
C GLN A 428 -39.39 -4.11 8.04
N THR A 429 -39.67 -4.35 6.77
CA THR A 429 -40.60 -5.39 6.35
C THR A 429 -40.15 -6.77 6.81
N SER A 430 -38.89 -7.09 6.56
CA SER A 430 -38.37 -8.38 7.02
C SER A 430 -38.46 -8.52 8.54
N ARG A 431 -38.24 -7.44 9.28
CA ARG A 431 -38.38 -7.49 10.75
C ARG A 431 -39.83 -7.70 11.13
N ASP A 432 -40.69 -6.80 10.64
CA ASP A 432 -42.11 -6.83 10.98
C ASP A 432 -42.79 -8.14 10.62
N ARG A 433 -42.46 -8.67 9.44
CA ARG A 433 -43.13 -9.85 8.95
C ARG A 433 -42.41 -11.15 9.30
N GLN A 434 -41.34 -11.01 10.09
CA GLN A 434 -40.43 -12.10 10.38
C GLN A 434 -40.08 -12.90 9.13
N LEU A 435 -39.53 -12.20 8.14
CA LEU A 435 -39.06 -12.79 6.89
C LEU A 435 -37.56 -12.54 6.74
N THR A 436 -36.94 -13.26 5.81
CA THR A 436 -35.60 -12.96 5.36
C THR A 436 -35.65 -11.72 4.47
N LEU A 437 -34.52 -11.06 4.30
CA LEU A 437 -34.46 -9.90 3.41
C LEU A 437 -34.96 -10.28 2.02
N TRP A 438 -34.46 -11.40 1.49
CA TRP A 438 -34.93 -11.90 0.19
C TRP A 438 -36.46 -12.08 0.08
N GLN A 439 -37.07 -12.67 1.11
CA GLN A 439 -38.51 -12.97 1.13
C GLN A 439 -39.28 -11.68 1.20
N ALA A 440 -38.74 -10.72 1.94
CA ALA A 440 -39.36 -9.43 2.11
C ALA A 440 -39.34 -8.69 0.77
N CYS A 441 -38.23 -8.81 0.03
CA CYS A 441 -38.14 -8.25 -1.31
C CYS A 441 -39.24 -8.85 -2.20
N ARG A 442 -39.32 -10.17 -2.23
CA ARG A 442 -40.33 -10.87 -3.03
C ARG A 442 -41.72 -10.28 -2.82
N GLU A 443 -42.08 -10.11 -1.55
CA GLU A 443 -43.44 -9.73 -1.18
C GLU A 443 -43.68 -8.28 -1.55
N LEU A 444 -42.73 -7.41 -1.21
CA LEU A 444 -42.87 -5.98 -1.50
C LEU A 444 -43.00 -5.71 -2.99
N LEU A 445 -42.29 -6.50 -3.79
CA LEU A 445 -42.34 -6.35 -5.25
C LEU A 445 -43.70 -6.83 -5.76
N GLN A 446 -44.21 -7.93 -5.22
CA GLN A 446 -45.54 -8.45 -5.62
C GLN A 446 -46.63 -7.43 -5.30
N GLU A 447 -46.42 -6.74 -4.18
CA GLU A 447 -47.41 -5.84 -3.59
C GLU A 447 -47.29 -4.46 -4.22
N LYS A 448 -46.34 -4.27 -5.11
CA LYS A 448 -46.10 -2.95 -5.68
C LYS A 448 -45.85 -1.90 -4.61
N ALA A 449 -45.19 -2.31 -3.52
CA ALA A 449 -44.97 -1.43 -2.38
C ALA A 449 -43.84 -0.42 -2.57
N LEU A 450 -42.93 -0.70 -3.51
CA LEU A 450 -41.79 0.19 -3.76
C LEU A 450 -41.99 1.12 -4.96
N ALA A 451 -41.38 2.30 -4.87
CA ALA A 451 -41.16 3.22 -5.98
C ALA A 451 -40.76 2.45 -7.24
N GLY A 452 -41.26 2.84 -8.41
CA GLY A 452 -40.90 2.18 -9.66
C GLY A 452 -39.42 2.06 -9.93
N ARG A 453 -38.68 3.14 -9.66
CA ARG A 453 -37.23 3.18 -9.81
C ARG A 453 -36.50 2.24 -8.84
N ALA A 454 -37.12 2.00 -7.68
CA ALA A 454 -36.49 1.13 -6.69
C ALA A 454 -36.80 -0.31 -7.09
N ALA A 455 -38.01 -0.51 -7.59
CA ALA A 455 -38.51 -1.86 -7.92
C ALA A 455 -37.73 -2.42 -9.09
N SER A 456 -37.40 -1.59 -10.08
CA SER A 456 -36.82 -2.12 -11.32
C SER A 456 -35.42 -2.68 -11.06
N ALA A 457 -34.58 -1.92 -10.35
CA ALA A 457 -33.21 -2.37 -10.09
C ALA A 457 -33.23 -3.59 -9.18
N LEU A 458 -34.15 -3.59 -8.21
CA LEU A 458 -34.22 -4.72 -7.28
C LEU A 458 -34.68 -6.00 -7.99
N GLN A 459 -35.60 -5.86 -8.96
CA GLN A 459 -36.04 -7.04 -9.73
C GLN A 459 -34.91 -7.59 -10.59
N ARG A 460 -34.09 -6.69 -11.12
CA ARG A 460 -32.96 -7.16 -11.89
C ARG A 460 -31.95 -7.87 -10.98
N PHE A 461 -31.67 -7.28 -9.81
CA PHE A 461 -30.73 -7.92 -8.91
C PHE A 461 -31.23 -9.35 -8.59
N MET A 462 -32.52 -9.49 -8.33
CA MET A 462 -32.99 -10.82 -7.93
C MET A 462 -32.94 -11.79 -9.11
N GLU A 463 -33.32 -11.27 -10.28
CA GLU A 463 -33.15 -12.07 -11.49
C GLU A 463 -31.71 -12.55 -11.73
N LEU A 464 -30.75 -11.65 -11.52
CA LEU A 464 -29.33 -11.97 -11.74
C LEU A 464 -28.86 -13.09 -10.80
N ILE A 465 -29.26 -12.99 -9.53
CA ILE A 465 -28.91 -14.01 -8.55
C ILE A 465 -29.54 -15.35 -8.93
N ASP A 466 -30.83 -15.34 -9.23
CA ASP A 466 -31.48 -16.60 -9.61
C ASP A 466 -30.91 -17.21 -10.88
N ALA A 467 -30.54 -16.36 -11.84
CA ALA A 467 -29.98 -16.83 -13.10
C ALA A 467 -28.59 -17.40 -12.91
N LEU A 468 -27.78 -16.72 -12.11
CA LEU A 468 -26.50 -17.29 -11.69
C LEU A 468 -26.62 -18.71 -11.11
N ALA A 469 -27.56 -18.88 -10.19
CA ALA A 469 -27.74 -20.16 -9.51
C ALA A 469 -28.16 -21.25 -10.49
N GLN A 470 -29.02 -20.88 -11.45
CA GLN A 470 -29.53 -21.84 -12.43
C GLN A 470 -28.48 -22.13 -13.54
N GLU A 471 -27.83 -21.08 -14.04
CA GLU A 471 -26.87 -21.23 -15.13
C GLU A 471 -25.61 -21.98 -14.68
N THR A 472 -25.30 -21.93 -13.38
CA THR A 472 -24.07 -22.56 -12.87
C THR A 472 -24.31 -23.89 -12.13
N ALA A 473 -25.54 -24.36 -12.11
CA ALA A 473 -25.92 -25.46 -11.22
C ALA A 473 -25.19 -26.80 -11.48
N ASP A 474 -24.74 -27.03 -12.71
CA ASP A 474 -24.02 -28.27 -13.01
C ASP A 474 -22.56 -27.99 -13.39
N MET A 475 -22.05 -26.81 -13.06
CA MET A 475 -20.66 -26.48 -13.33
C MET A 475 -19.78 -26.95 -12.17
N PRO A 476 -18.53 -27.33 -12.45
CA PRO A 476 -17.56 -27.54 -11.37
C PRO A 476 -17.40 -26.25 -10.54
N LEU A 477 -17.18 -26.40 -9.23
CA LEU A 477 -16.99 -25.26 -8.30
C LEU A 477 -16.20 -24.11 -8.91
N HIS A 478 -15.03 -24.36 -9.49
CA HIS A 478 -14.20 -23.25 -9.98
C HIS A 478 -14.77 -22.52 -11.21
N VAL A 479 -15.45 -23.26 -12.07
CA VAL A 479 -16.12 -22.71 -13.23
C VAL A 479 -17.33 -21.86 -12.84
N GLN A 480 -18.08 -22.32 -11.84
CA GLN A 480 -19.21 -21.55 -11.31
C GLN A 480 -18.63 -20.27 -10.72
N THR A 481 -17.51 -20.38 -10.03
CA THR A 481 -16.92 -19.24 -9.35
C THR A 481 -16.47 -18.18 -10.37
N ASP A 482 -15.79 -18.62 -11.44
CA ASP A 482 -15.37 -17.72 -12.50
C ASP A 482 -16.58 -17.04 -13.13
N ARG A 483 -17.61 -17.85 -13.42
CA ARG A 483 -18.89 -17.36 -13.97
C ARG A 483 -19.51 -16.29 -13.07
N VAL A 484 -19.50 -16.52 -11.77
CA VAL A 484 -20.06 -15.56 -10.83
C VAL A 484 -19.27 -14.25 -10.82
N ILE A 485 -17.95 -14.34 -10.84
CA ILE A 485 -17.10 -13.13 -10.87
C ILE A 485 -17.40 -12.29 -12.11
N LYS A 486 -17.63 -12.97 -13.23
CA LYS A 486 -17.92 -12.27 -14.47
C LYS A 486 -19.34 -11.66 -14.48
N ASP A 487 -20.33 -12.51 -14.26
CA ASP A 487 -21.73 -12.11 -14.43
C ASP A 487 -22.25 -11.13 -13.37
N SER A 488 -21.61 -11.12 -12.20
CA SER A 488 -22.02 -10.23 -11.13
C SER A 488 -21.58 -8.81 -11.44
N GLY A 489 -20.70 -8.70 -12.43
CA GLY A 489 -20.01 -7.44 -12.72
C GLY A 489 -18.85 -7.11 -11.81
N LEU A 490 -18.46 -7.99 -10.88
CA LEU A 490 -17.25 -7.75 -10.11
C LEU A 490 -15.97 -7.53 -10.90
N ARG A 491 -15.73 -8.34 -11.92
CA ARG A 491 -14.50 -8.20 -12.71
C ARG A 491 -14.44 -6.84 -13.41
N THR A 492 -15.55 -6.47 -14.04
CA THR A 492 -15.64 -5.15 -14.66
C THR A 492 -15.47 -3.98 -13.69
N MET A 493 -15.98 -4.11 -12.48
CA MET A 493 -15.90 -3.04 -11.48
C MET A 493 -14.44 -2.65 -11.24
N TYR A 494 -13.55 -3.62 -11.20
CA TYR A 494 -12.14 -3.27 -11.07
C TYR A 494 -11.47 -2.89 -12.37
N GLU A 495 -11.77 -3.64 -13.42
CA GLU A 495 -11.20 -3.33 -14.73
C GLU A 495 -11.40 -1.88 -15.19
N GLN A 496 -12.56 -1.29 -14.87
CA GLN A 496 -12.93 0.05 -15.34
C GLN A 496 -12.06 1.15 -14.73
N GLU A 497 -11.45 0.81 -13.59
CA GLU A 497 -10.54 1.69 -12.86
C GLU A 497 -9.10 1.25 -13.19
N LYS A 498 -8.67 1.60 -14.40
CA LYS A 498 -7.36 1.19 -14.87
C LYS A 498 -6.31 1.55 -13.84
N GLY A 499 -5.31 0.69 -13.70
CA GLY A 499 -4.18 0.99 -12.83
C GLY A 499 -3.84 -0.21 -11.98
N GLU A 500 -2.67 -0.18 -11.34
CA GLU A 500 -2.20 -1.31 -10.52
C GLU A 500 -3.17 -1.72 -9.41
N LYS A 501 -3.80 -0.74 -8.76
CA LYS A 501 -4.68 -1.04 -7.62
C LYS A 501 -5.83 -1.96 -7.99
N GLY A 502 -6.54 -1.60 -9.05
CA GLY A 502 -7.57 -2.47 -9.63
C GLY A 502 -7.07 -3.84 -10.09
N GLN A 503 -5.90 -3.86 -10.74
CA GLN A 503 -5.34 -5.14 -11.18
C GLN A 503 -5.02 -6.07 -10.02
N THR A 504 -4.56 -5.51 -8.90
CA THR A 504 -4.37 -6.32 -7.68
C THR A 504 -5.66 -7.02 -7.24
N ARG A 505 -6.78 -6.30 -7.25
CA ARG A 505 -8.05 -6.90 -6.85
C ARG A 505 -8.46 -8.04 -7.75
N ILE A 506 -8.18 -7.83 -9.03
CA ILE A 506 -8.46 -8.83 -10.07
C ILE A 506 -7.56 -10.04 -9.79
N GLU A 507 -6.28 -9.82 -9.48
CA GLU A 507 -5.40 -10.93 -9.10
C GLU A 507 -5.97 -11.82 -7.99
N ASN A 508 -6.60 -11.20 -7.00
CA ASN A 508 -7.21 -11.97 -5.92
C ASN A 508 -8.46 -12.72 -6.37
N LEU A 509 -9.33 -12.05 -7.13
CA LEU A 509 -10.46 -12.76 -7.76
C LEU A 509 -9.98 -14.02 -8.51
N GLU A 510 -8.98 -13.86 -9.36
CA GLU A 510 -8.46 -15.01 -10.11
C GLU A 510 -7.93 -16.11 -9.19
N GLU A 511 -7.23 -15.72 -8.13
CA GLU A 511 -6.85 -16.68 -7.08
C GLU A 511 -8.00 -17.41 -6.42
N LEU A 512 -9.19 -16.82 -6.39
CA LEU A 512 -10.31 -17.50 -5.75
C LEU A 512 -10.77 -18.64 -6.66
N VAL A 513 -10.58 -18.44 -7.96
CA VAL A 513 -10.76 -19.54 -8.93
C VAL A 513 -9.73 -20.66 -8.69
N THR A 514 -8.46 -20.29 -8.51
CA THR A 514 -7.47 -21.28 -8.06
C THR A 514 -7.88 -21.99 -6.79
N ALA A 515 -8.32 -21.23 -5.79
CA ALA A 515 -8.66 -21.78 -4.48
C ALA A 515 -9.79 -22.79 -4.54
N THR A 516 -10.87 -22.44 -5.25
CA THR A 516 -11.99 -23.36 -5.42
C THR A 516 -11.60 -24.60 -6.22
N ARG A 517 -10.81 -24.44 -7.27
CA ARG A 517 -10.32 -25.59 -8.04
C ARG A 517 -9.54 -26.55 -7.14
N GLN A 518 -8.65 -26.01 -6.31
CA GLN A 518 -7.78 -26.89 -5.50
C GLN A 518 -8.52 -27.50 -4.33
N PHE A 519 -9.64 -26.90 -3.94
CA PHE A 519 -10.42 -27.37 -2.80
C PHE A 519 -11.25 -28.53 -3.33
N SER A 520 -11.91 -28.25 -4.44
CA SER A 520 -12.69 -29.22 -5.21
C SER A 520 -11.85 -30.47 -5.54
N GLU A 526 -14.43 -33.11 1.98
CA GLU A 526 -14.39 -31.90 1.15
C GLU A 526 -15.72 -31.67 0.41
N ASP A 527 -16.81 -32.22 0.95
CA ASP A 527 -18.10 -32.29 0.27
C ASP A 527 -19.29 -32.54 1.20
N LEU A 528 -20.27 -31.63 1.16
CA LEU A 528 -21.65 -31.90 1.57
C LEU A 528 -22.52 -31.49 0.39
N MET A 529 -22.11 -30.41 -0.26
CA MET A 529 -22.00 -30.32 -1.71
C MET A 529 -20.75 -29.45 -1.83
N PRO A 530 -20.01 -29.51 -2.95
CA PRO A 530 -18.81 -28.68 -2.96
C PRO A 530 -19.02 -27.22 -2.53
N LEU A 531 -20.09 -26.58 -3.01
CA LEU A 531 -20.24 -25.14 -2.73
C LEU A 531 -20.34 -24.88 -1.23
N GLN A 532 -21.27 -25.58 -0.59
CA GLN A 532 -21.45 -25.39 0.85
C GLN A 532 -20.17 -25.67 1.65
N ALA A 533 -19.44 -26.72 1.27
CA ALA A 533 -18.23 -27.12 2.01
C ALA A 533 -17.20 -26.02 1.87
N PHE A 534 -17.08 -25.52 0.64
CA PHE A 534 -16.12 -24.47 0.39
C PHE A 534 -16.45 -23.22 1.21
N LEU A 535 -17.73 -22.86 1.24
CA LEU A 535 -18.19 -21.65 1.93
C LEU A 535 -17.98 -21.78 3.43
N SER A 536 -18.17 -22.98 3.94
CA SER A 536 -17.87 -23.28 5.33
C SER A 536 -16.38 -23.09 5.61
N HIS A 537 -15.54 -23.65 4.75
CA HIS A 537 -14.09 -23.45 4.84
C HIS A 537 -13.73 -21.96 4.83
N ALA A 538 -14.25 -21.24 3.85
CA ALA A 538 -13.94 -19.82 3.71
C ALA A 538 -14.39 -19.07 4.95
N ALA A 539 -15.56 -19.42 5.47
CA ALA A 539 -16.17 -18.69 6.58
C ALA A 539 -15.34 -18.88 7.85
N LEU A 540 -14.61 -19.99 7.88
CA LEU A 540 -13.74 -20.37 8.99
C LEU A 540 -12.42 -19.60 8.93
N GLU A 541 -11.50 -20.05 8.09
CA GLU A 541 -10.30 -19.29 7.78
C GLU A 541 -10.65 -18.00 7.02
N GLY A 543 -15.17 -16.55 13.04
CA GLY A 543 -14.11 -17.54 13.19
C GLY A 543 -12.88 -17.26 12.35
N GLU A 544 -11.72 -17.70 12.85
CA GLU A 544 -10.43 -17.43 12.21
C GLU A 544 -10.16 -15.96 12.01
N GLY A 545 -8.94 -15.63 11.60
CA GLY A 545 -8.64 -14.35 10.97
C GLY A 545 -8.85 -13.11 11.83
N GLN A 546 -7.74 -12.60 12.38
CA GLN A 546 -7.76 -11.36 13.15
C GLN A 546 -8.15 -11.56 14.60
N ALA A 547 -7.57 -12.58 15.23
CA ALA A 547 -7.76 -12.80 16.66
C ALA A 547 -7.45 -11.56 17.47
N ASP A 548 -8.34 -11.24 18.41
CA ASP A 548 -8.10 -10.17 19.38
C ASP A 548 -7.13 -10.63 20.47
N THR A 549 -6.90 -11.94 20.51
CA THR A 549 -5.84 -12.57 21.30
C THR A 549 -4.49 -12.35 20.61
N TRP A 550 -3.55 -11.76 21.34
CA TRP A 550 -2.17 -11.65 20.89
C TRP A 550 -1.53 -13.03 20.88
N GLN A 551 -0.88 -13.41 19.79
CA GLN A 551 0.00 -14.55 19.85
C GLN A 551 1.29 -14.28 19.10
N ASP A 552 2.33 -15.01 19.46
CA ASP A 552 3.56 -14.99 18.66
C ASP A 552 3.20 -15.63 17.32
N ALA A 553 3.43 -14.90 16.21
CA ALA A 553 2.90 -15.30 14.89
C ALA A 553 3.89 -14.96 13.76
N VAL A 554 3.97 -15.82 12.77
CA VAL A 554 4.72 -15.56 11.54
C VAL A 554 4.15 -14.30 10.89
N GLN A 555 5.01 -13.48 10.30
CA GLN A 555 4.55 -12.24 9.65
C GLN A 555 4.54 -12.38 8.13
N LEU A 556 3.38 -12.28 7.47
CA LEU A 556 3.30 -12.42 6.02
C LEU A 556 3.03 -11.04 5.42
N MET A 557 3.68 -10.70 4.32
CA MET A 557 3.32 -9.40 3.74
C MET A 557 3.87 -9.33 2.33
N THR A 558 3.33 -8.42 1.53
CA THR A 558 4.04 -8.00 0.35
C THR A 558 5.43 -7.43 0.58
N LEU A 559 6.27 -7.51 -0.45
CA LEU A 559 7.55 -6.82 -0.42
C LEU A 559 7.33 -5.31 -0.21
N HIS A 560 6.29 -4.73 -0.82
CA HIS A 560 6.05 -3.30 -0.60
C HIS A 560 5.77 -2.99 0.88
N SER A 561 5.01 -3.84 1.53
CA SER A 561 4.73 -3.63 2.95
C SER A 561 5.88 -3.90 3.91
N ALA A 562 6.94 -4.58 3.46
CA ALA A 562 8.10 -4.88 4.30
C ALA A 562 9.05 -3.69 4.36
N LYS A 563 8.75 -2.61 3.62
CA LYS A 563 9.70 -1.50 3.57
C LYS A 563 9.98 -0.97 4.97
N GLY A 564 11.25 -0.91 5.36
CA GLY A 564 11.70 -0.42 6.66
C GLY A 564 11.65 -1.36 7.87
N LEU A 565 11.19 -2.58 7.62
CA LEU A 565 11.17 -3.65 8.61
C LEU A 565 12.43 -4.52 8.59
N GLU A 566 12.56 -5.39 9.58
CA GLU A 566 13.73 -6.25 9.68
C GLU A 566 13.40 -7.49 10.49
N PHE A 567 13.94 -8.63 10.08
CA PHE A 567 13.60 -9.90 10.69
C PHE A 567 14.83 -10.80 10.70
N PRO A 568 14.99 -11.63 11.76
CA PRO A 568 16.08 -12.59 11.75
C PRO A 568 16.00 -13.56 10.60
N GLN A 569 14.79 -14.05 10.30
CA GLN A 569 14.60 -15.01 9.19
C GLN A 569 13.64 -14.39 8.18
N VAL A 570 14.06 -14.30 6.92
CA VAL A 570 13.19 -13.84 5.82
C VAL A 570 13.12 -14.92 4.74
N PHE A 571 11.90 -15.19 4.26
CA PHE A 571 11.67 -16.08 3.14
C PHE A 571 11.00 -15.28 2.03
N ILE A 572 11.66 -15.17 0.86
CA ILE A 572 10.99 -14.52 -0.25
C ILE A 572 10.52 -15.64 -1.20
N VAL A 573 9.21 -15.74 -1.34
CA VAL A 573 8.59 -16.81 -2.14
C VAL A 573 8.22 -16.34 -3.54
N GLY A 574 7.94 -17.29 -4.44
CA GLY A 574 7.51 -16.91 -5.81
C GLY A 574 8.55 -16.15 -6.60
N MET A 575 9.82 -16.52 -6.48
CA MET A 575 10.92 -15.92 -7.25
C MET A 575 10.92 -16.44 -8.71
N GLU A 576 9.88 -16.11 -9.45
CA GLU A 576 9.67 -16.63 -10.81
C GLU A 576 9.48 -15.50 -11.82
N GLU A 577 10.04 -15.67 -13.02
CA GLU A 577 9.83 -14.65 -14.04
C GLU A 577 8.35 -14.61 -14.35
N GLY A 578 7.78 -13.40 -14.36
CA GLY A 578 6.35 -13.23 -14.53
C GLY A 578 5.58 -13.11 -13.21
N MET A 579 6.13 -13.68 -12.14
CA MET A 579 5.63 -13.39 -10.80
C MET A 579 6.41 -12.22 -10.18
N PHE A 580 7.74 -12.32 -10.23
CA PHE A 580 8.63 -11.31 -9.69
C PHE A 580 9.98 -11.48 -10.36
N PRO A 581 10.28 -10.65 -11.37
CA PRO A 581 9.54 -9.47 -11.83
C PRO A 581 8.11 -9.74 -12.33
N SER A 582 7.19 -8.86 -11.98
CA SER A 582 5.78 -9.03 -12.36
C SER A 582 5.64 -9.07 -13.89
N GLN A 583 4.65 -9.80 -14.35
CA GLN A 583 4.34 -9.84 -15.79
C GLN A 583 3.95 -8.46 -16.29
N MET A 584 3.18 -7.75 -15.48
CA MET A 584 2.69 -6.41 -15.80
C MET A 584 3.85 -5.54 -16.31
N SER A 585 5.06 -5.85 -15.86
CA SER A 585 6.26 -5.37 -16.52
C SER A 585 6.68 -6.34 -17.62
N LEU A 586 6.14 -6.15 -18.82
CA LEU A 586 6.36 -7.06 -19.94
C LEU A 586 7.55 -6.61 -20.80
N GLY A 589 12.26 -3.15 -19.21
CA GLY A 589 13.47 -2.43 -18.84
C GLY A 589 13.24 -1.24 -17.93
N GLY A 590 12.15 -0.52 -18.18
CA GLY A 590 11.80 0.70 -17.44
C GLY A 590 10.88 0.52 -16.23
N ARG A 591 10.19 -0.60 -16.18
CA ARG A 591 9.62 -1.09 -14.92
C ARG A 591 10.51 -2.16 -14.29
N LEU A 592 11.39 -2.78 -15.06
CA LEU A 592 12.28 -3.80 -14.51
C LEU A 592 13.21 -3.30 -13.40
N GLU A 593 13.75 -2.10 -13.56
CA GLU A 593 14.61 -1.58 -12.51
C GLU A 593 13.89 -1.43 -11.17
N GLU A 594 12.63 -0.97 -11.23
CA GLU A 594 11.89 -0.83 -9.98
C GLU A 594 11.60 -2.19 -9.34
N GLU A 595 11.26 -3.17 -10.16
CA GLU A 595 11.15 -4.54 -9.63
C GLU A 595 12.46 -4.98 -8.95
N ARG A 596 13.62 -4.65 -9.52
CA ARG A 596 14.90 -5.00 -8.89
C ARG A 596 15.12 -4.22 -7.61
N ARG A 597 14.68 -2.95 -7.57
CA ARG A 597 14.76 -2.18 -6.31
C ARG A 597 13.94 -2.90 -5.22
N LEU A 598 12.80 -3.41 -5.62
CA LEU A 598 11.90 -4.10 -4.70
C LEU A 598 12.55 -5.37 -4.21
N ALA A 599 13.23 -6.06 -5.10
CA ALA A 599 13.97 -7.23 -4.64
C ALA A 599 15.08 -6.88 -3.65
N TYR A 600 15.79 -5.80 -3.91
CA TYR A 600 16.82 -5.32 -3.03
C TYR A 600 16.32 -4.90 -1.66
N VAL A 601 15.12 -4.31 -1.63
CA VAL A 601 14.43 -4.01 -0.38
C VAL A 601 14.15 -5.35 0.33
N GLY A 602 13.69 -6.35 -0.42
CA GLY A 602 13.45 -7.66 0.24
C GLY A 602 14.69 -8.31 0.85
N VAL A 603 15.76 -8.38 0.05
CA VAL A 603 17.02 -8.93 0.55
C VAL A 603 17.53 -8.21 1.81
N THR A 604 17.39 -6.90 1.86
CA THR A 604 17.94 -6.11 2.94
C THR A 604 17.04 -6.05 4.19
N ARG A 605 15.94 -6.81 4.22
CA ARG A 605 15.13 -6.95 5.46
C ARG A 605 15.79 -8.01 6.38
N ALA A 606 16.56 -8.91 5.77
CA ALA A 606 17.03 -10.08 6.48
C ALA A 606 18.23 -9.86 7.40
N MET A 607 18.06 -10.17 8.68
CA MET A 607 19.11 -9.99 9.68
C MET A 607 20.10 -11.16 9.70
N GLN A 608 19.59 -12.37 9.96
CA GLN A 608 20.45 -13.55 10.10
C GLN A 608 20.44 -14.48 8.90
N LYS A 609 19.27 -14.70 8.32
CA LYS A 609 19.11 -15.72 7.29
C LYS A 609 18.07 -15.32 6.27
N LEU A 610 18.42 -15.47 5.00
CA LEU A 610 17.52 -15.22 3.88
C LEU A 610 17.33 -16.55 3.12
N THR A 611 16.09 -16.85 2.76
CA THR A 611 15.78 -18.06 1.97
C THR A 611 14.94 -17.61 0.78
N LEU A 612 15.30 -18.05 -0.43
CA LEU A 612 14.57 -17.63 -1.65
C LEU A 612 14.01 -18.92 -2.22
N THR A 613 12.73 -18.91 -2.58
CA THR A 613 12.09 -20.09 -3.14
C THR A 613 11.34 -19.75 -4.39
N TYR A 614 11.07 -20.77 -5.20
CA TYR A 614 10.29 -20.57 -6.43
C TYR A 614 9.79 -21.94 -6.84
N ALA A 615 8.75 -21.95 -7.68
CA ALA A 615 8.08 -23.18 -8.05
C ALA A 615 8.19 -23.33 -9.56
N GLU A 616 8.26 -24.59 -10.01
CA GLU A 616 8.35 -24.86 -11.44
C GLU A 616 7.07 -24.48 -12.18
N THR A 617 5.92 -24.77 -11.55
CA THR A 617 4.63 -24.28 -12.00
C THR A 617 3.81 -23.68 -10.84
N ARG A 618 2.92 -22.75 -11.20
CA ARG A 618 1.99 -22.13 -10.26
C ARG A 618 0.58 -22.18 -10.84
N ARG A 619 -0.44 -22.48 -10.04
CA ARG A 619 -1.80 -22.44 -10.58
C ARG A 619 -2.34 -21.00 -10.50
N LEU A 620 -2.45 -20.37 -11.66
CA LEU A 620 -2.98 -19.01 -11.70
C LEU A 620 -4.32 -18.96 -12.45
N TYR A 621 -5.31 -18.39 -11.78
CA TYR A 621 -6.66 -18.28 -12.36
C TYR A 621 -7.15 -19.70 -12.67
N GLY A 622 -6.80 -20.64 -11.80
CA GLY A 622 -7.30 -22.01 -11.90
C GLY A 622 -6.39 -22.88 -12.73
N LYS A 623 -5.48 -22.30 -13.52
CA LYS A 623 -4.70 -23.10 -14.48
C LYS A 623 -3.18 -23.14 -14.29
N GLU A 624 -2.59 -24.28 -14.60
CA GLU A 624 -1.17 -24.55 -14.33
C GLU A 624 -0.26 -23.78 -15.29
N VAL A 625 0.63 -22.93 -14.76
CA VAL A 625 1.47 -22.11 -15.62
C VAL A 625 2.93 -22.37 -15.24
N TYR A 626 3.78 -22.65 -16.22
CA TYR A 626 5.22 -22.76 -15.99
C TYR A 626 5.94 -21.41 -15.97
N HIS A 627 6.84 -21.23 -15.01
CA HIS A 627 7.68 -20.04 -15.03
C HIS A 627 9.16 -20.41 -14.90
N ARG A 628 10.04 -19.65 -15.55
CA ARG A 628 11.48 -19.83 -15.35
C ARG A 628 11.81 -19.13 -14.02
N PRO A 629 12.90 -19.54 -13.34
CA PRO A 629 13.27 -18.86 -12.09
C PRO A 629 13.44 -17.39 -12.37
N SER A 630 13.08 -16.55 -11.40
CA SER A 630 13.42 -15.13 -11.51
C SER A 630 14.87 -14.86 -11.89
N ARG A 631 15.08 -13.89 -12.78
CA ARG A 631 16.43 -13.37 -13.02
C ARG A 631 17.22 -12.90 -11.80
N PHE A 632 16.53 -12.36 -10.79
CA PHE A 632 17.19 -11.91 -9.57
C PHE A 632 17.94 -13.03 -8.81
N ILE A 633 17.50 -14.27 -8.96
CA ILE A 633 18.21 -15.37 -8.32
C ILE A 633 19.61 -15.49 -8.92
N GLY A 634 19.70 -15.53 -10.24
CA GLY A 634 21.01 -15.69 -10.86
C GLY A 634 21.93 -14.48 -10.74
N GLU A 635 21.36 -13.31 -10.48
CA GLU A 635 22.13 -12.10 -10.26
C GLU A 635 22.89 -12.08 -8.93
N LEU A 636 22.50 -12.94 -8.00
CA LEU A 636 23.28 -13.10 -6.78
C LEU A 636 24.60 -13.84 -6.99
N PRO A 637 25.63 -13.45 -6.24
CA PRO A 637 26.93 -14.13 -6.36
C PRO A 637 26.70 -15.59 -6.03
N GLU A 638 27.23 -16.50 -6.84
CA GLU A 638 27.24 -17.93 -6.52
C GLU A 638 27.74 -18.26 -5.11
N GLU A 639 28.74 -17.53 -4.65
CA GLU A 639 29.36 -17.79 -3.35
C GLU A 639 28.46 -17.45 -2.17
N CYS A 640 27.38 -16.71 -2.42
CA CYS A 640 26.44 -16.31 -1.36
C CYS A 640 25.34 -17.34 -1.12
N VAL A 641 25.12 -18.24 -2.08
CA VAL A 641 23.89 -19.02 -2.13
C VAL A 641 24.22 -20.52 -2.09
N GLU A 642 23.40 -21.26 -1.36
CA GLU A 642 23.45 -22.73 -1.21
C GLU A 642 22.07 -23.27 -1.55
N GLU A 643 21.93 -24.12 -2.56
CA GLU A 643 20.62 -24.70 -2.83
C GLU A 643 20.29 -25.79 -1.80
N VAL A 644 19.04 -25.85 -1.35
CA VAL A 644 18.55 -26.87 -0.43
C VAL A 644 18.09 -28.07 -1.27
N ARG A 645 18.64 -29.25 -1.01
CA ARG A 645 18.39 -30.43 -1.86
C ARG A 645 18.13 -31.66 -1.01
N LEU A 646 17.49 -32.66 -1.60
CA LEU A 646 17.17 -33.91 -0.93
C LEU A 646 18.48 -34.72 -0.82
N ARG A 647 18.82 -35.15 0.38
CA ARG A 647 20.05 -35.91 0.60
C ARG A 647 19.87 -36.96 1.69
#